data_1FV0
#
_entry.id   1FV0
#
_cell.length_a   76.050
_cell.length_b   89.480
_cell.length_c   76.870
_cell.angle_alpha   90.00
_cell.angle_beta   90.00
_cell.angle_gamma   90.00
#
_symmetry.space_group_name_H-M   'C 2 2 21'
#
loop_
_entity.id
_entity.type
_entity.pdbx_description
1 polymer 'PHOSPHOLIPASE A2'
2 non-polymer 'SULFATE ION'
3 non-polymer 'ACETATE ION'
4 non-polymer '9-HYDROXY ARISTOLOCHIC ACID'
5 non-polymer GLYCEROL
6 non-polymer '1,4-DIETHYLENE DIOXIDE'
7 water water
#
_entity_poly.entity_id   1
_entity_poly.type   'polypeptide(L)'
_entity_poly.pdbx_seq_one_letter_code
;SLLEFGKMILEETGKLAIPSYSSYGCYCGWGGKGTPKDATDRCCFVHDCCYGNLPDCNPKSDRYKYKRVNGAIVCEKGTS
CENRICECDKAAAICFRQNLNTYSKKYMLYPDFLCKGELKC
;
_entity_poly.pdbx_strand_id   A,B
#
# COMPACT_ATOMS: atom_id res chain seq x y z
N SER A 1 -11.80 -0.47 7.17
CA SER A 1 -11.12 -0.23 5.86
C SER A 1 -9.65 0.09 6.09
N LEU A 2 -8.91 0.23 5.00
CA LEU A 2 -7.49 0.54 5.10
C LEU A 2 -7.25 1.84 5.82
N LEU A 3 -8.25 2.71 5.84
CA LEU A 3 -8.13 3.99 6.53
C LEU A 3 -7.95 3.76 8.03
N GLU A 4 -8.85 3.00 8.63
CA GLU A 4 -8.79 2.70 10.06
C GLU A 4 -7.54 1.87 10.40
N PHE A 5 -7.26 0.87 9.58
CA PHE A 5 -6.12 -0.02 9.80
C PHE A 5 -4.82 0.79 9.71
N GLY A 6 -4.73 1.68 8.73
CA GLY A 6 -3.54 2.50 8.59
C GLY A 6 -3.34 3.40 9.80
N LYS A 7 -4.44 3.87 10.36
CA LYS A 7 -4.39 4.74 11.54
C LYS A 7 -3.84 3.95 12.73
N MET A 8 -4.34 2.74 12.92
CA MET A 8 -3.88 1.89 14.01
C MET A 8 -2.39 1.62 13.89
N ILE A 9 -1.96 1.31 12.68
CA ILE A 9 -0.55 1.00 12.43
C ILE A 9 0.34 2.18 12.81
N LEU A 10 -0.04 3.38 12.38
CA LEU A 10 0.75 4.55 12.69
C LEU A 10 0.82 4.78 14.19
N GLU A 11 -0.31 4.59 14.87
CA GLU A 11 -0.38 4.80 16.31
C GLU A 11 0.46 3.77 17.08
N GLU A 12 0.41 2.53 16.65
CA GLU A 12 1.15 1.46 17.32
C GLU A 12 2.64 1.38 17.00
N THR A 13 2.99 1.62 15.74
CA THR A 13 4.39 1.52 15.32
C THR A 13 5.14 2.82 15.12
N GLY A 14 4.40 3.91 14.93
CA GLY A 14 5.03 5.20 14.71
C GLY A 14 5.46 5.35 13.26
N LYS A 15 5.14 4.34 12.45
CA LYS A 15 5.47 4.34 11.03
C LYS A 15 4.21 4.52 10.21
N LEU A 16 4.31 5.26 9.10
CA LEU A 16 3.16 5.44 8.24
C LEU A 16 2.93 4.05 7.64
N ALA A 17 1.71 3.55 7.75
CA ALA A 17 1.35 2.24 7.22
C ALA A 17 1.91 2.06 5.81
N ILE A 18 1.70 3.08 4.97
CA ILE A 18 2.18 3.08 3.61
C ILE A 18 3.34 4.07 3.56
N PRO A 19 4.49 3.66 3.00
CA PRO A 19 4.80 2.37 2.40
C PRO A 19 5.51 1.35 3.30
N SER A 20 5.61 1.64 4.59
CA SER A 20 6.30 0.73 5.52
C SER A 20 5.77 -0.69 5.59
N TYR A 21 4.46 -0.85 5.48
CA TYR A 21 3.87 -2.19 5.55
C TYR A 21 3.01 -2.58 4.37
N SER A 22 3.06 -1.79 3.29
CA SER A 22 2.25 -2.10 2.11
C SER A 22 2.95 -2.90 1.01
N SER A 23 4.25 -3.14 1.15
CA SER A 23 5.00 -3.92 0.16
C SER A 23 6.07 -4.73 0.87
N TYR A 24 5.80 -5.07 2.12
CA TYR A 24 6.74 -5.82 2.95
C TYR A 24 6.59 -7.32 2.84
N GLY A 25 7.70 -8.00 2.57
CA GLY A 25 7.69 -9.45 2.47
C GLY A 25 6.71 -10.04 1.47
N CYS A 26 6.20 -11.23 1.80
CA CYS A 26 5.27 -11.93 0.92
C CYS A 26 3.79 -11.67 1.18
N TYR A 27 3.46 -11.25 2.40
CA TYR A 27 2.06 -11.04 2.74
C TYR A 27 1.60 -9.63 3.10
N CYS A 28 2.52 -8.71 3.35
CA CYS A 28 2.11 -7.35 3.68
C CYS A 28 1.90 -6.59 2.40
N GLY A 29 0.66 -6.65 1.90
CA GLY A 29 0.30 -6.00 0.66
C GLY A 29 -0.85 -6.77 0.07
N TRP A 30 -1.05 -6.70 -1.24
CA TRP A 30 -2.14 -7.43 -1.87
C TRP A 30 -1.83 -8.92 -1.97
N GLY A 31 -0.58 -9.24 -2.28
CA GLY A 31 -0.18 -10.62 -2.41
C GLY A 31 -0.54 -11.52 -1.24
N GLY A 32 -0.37 -12.82 -1.45
CA GLY A 32 -0.67 -13.79 -0.41
C GLY A 32 -0.18 -15.18 -0.78
N LYS A 33 1.12 -15.33 -0.94
CA LYS A 33 1.71 -16.64 -1.29
C LYS A 33 3.09 -16.85 -0.70
N GLY A 34 3.50 -18.11 -0.66
CA GLY A 34 4.82 -18.44 -0.14
C GLY A 34 4.98 -18.47 1.37
N THR A 35 6.22 -18.64 1.79
CA THR A 35 6.54 -18.68 3.21
C THR A 35 6.86 -17.27 3.72
N PRO A 36 6.17 -16.85 4.79
CA PRO A 36 6.41 -15.51 5.34
C PRO A 36 7.90 -15.32 5.60
N LYS A 37 8.43 -14.16 5.21
CA LYS A 37 9.85 -13.87 5.36
C LYS A 37 10.36 -13.77 6.79
N ASP A 38 9.53 -13.21 7.68
CA ASP A 38 9.91 -13.04 9.08
C ASP A 38 8.69 -12.81 9.98
N ALA A 39 8.93 -12.40 11.22
CA ALA A 39 7.84 -12.17 12.17
C ALA A 39 6.83 -11.15 11.65
N THR A 40 7.32 -10.03 11.14
CA THR A 40 6.44 -8.99 10.62
C THR A 40 5.59 -9.53 9.48
N ASP A 41 6.21 -10.28 8.58
CA ASP A 41 5.48 -10.86 7.46
C ASP A 41 4.42 -11.83 7.99
N ARG A 42 4.75 -12.58 9.05
CA ARG A 42 3.79 -13.51 9.62
C ARG A 42 2.59 -12.74 10.19
N CYS A 43 2.82 -11.52 10.66
CA CYS A 43 1.70 -10.72 11.18
C CYS A 43 0.71 -10.51 10.04
N CYS A 44 1.23 -10.23 8.85
CA CYS A 44 0.36 -10.02 7.70
C CYS A 44 -0.32 -11.31 7.25
N PHE A 45 0.41 -12.42 7.35
CA PHE A 45 -0.15 -13.70 6.96
C PHE A 45 -1.36 -13.99 7.85
N VAL A 46 -1.19 -13.81 9.15
CA VAL A 46 -2.26 -14.03 10.11
C VAL A 46 -3.42 -13.07 9.84
N HIS A 47 -3.08 -11.81 9.53
CA HIS A 47 -4.09 -10.80 9.25
C HIS A 47 -4.92 -11.24 8.05
N ASP A 48 -4.27 -11.83 7.05
CA ASP A 48 -4.96 -12.31 5.86
C ASP A 48 -5.90 -13.45 6.21
N CYS A 49 -5.43 -14.34 7.07
CA CYS A 49 -6.23 -15.47 7.50
C CYS A 49 -7.46 -14.95 8.24
N CYS A 50 -7.25 -13.92 9.06
CA CYS A 50 -8.34 -13.34 9.82
C CYS A 50 -9.41 -12.77 8.87
N TYR A 51 -8.96 -12.00 7.88
CA TYR A 51 -9.86 -11.42 6.89
C TYR A 51 -10.55 -12.52 6.11
N GLY A 52 -9.78 -13.56 5.78
CA GLY A 52 -10.31 -14.68 5.02
C GLY A 52 -11.42 -15.42 5.73
N ASN A 53 -11.52 -15.23 7.04
CA ASN A 53 -12.55 -15.88 7.82
C ASN A 53 -13.73 -14.94 8.10
N LEU A 54 -13.83 -13.90 7.27
CA LEU A 54 -14.92 -12.93 7.37
C LEU A 54 -15.56 -12.85 5.97
N PRO A 55 -15.98 -14.00 5.43
CA PRO A 55 -16.61 -14.07 4.11
C PRO A 55 -17.87 -13.23 3.97
N ASP A 56 -18.56 -13.01 5.09
CA ASP A 56 -19.79 -12.23 5.09
C ASP A 56 -19.54 -10.73 5.21
N CYS A 57 -18.27 -10.34 5.16
CA CYS A 57 -17.92 -8.92 5.29
C CYS A 57 -17.03 -8.42 4.15
N ASN A 58 -16.77 -7.12 4.15
CA ASN A 58 -15.91 -6.46 3.17
C ASN A 58 -14.83 -5.77 4.00
N PRO A 59 -13.85 -6.54 4.52
CA PRO A 59 -12.75 -6.05 5.34
C PRO A 59 -11.97 -4.82 4.87
N LYS A 60 -11.61 -4.76 3.59
CA LYS A 60 -10.84 -3.63 3.09
C LYS A 60 -11.66 -2.37 2.82
N SER A 61 -12.97 -2.51 2.64
CA SER A 61 -13.80 -1.34 2.35
C SER A 61 -14.75 -0.90 3.45
N ASP A 62 -15.19 -1.84 4.30
CA ASP A 62 -16.12 -1.50 5.37
C ASP A 62 -15.51 -0.56 6.39
N ARG A 63 -16.18 0.55 6.65
CA ARG A 63 -15.70 1.53 7.63
C ARG A 63 -16.16 1.13 9.02
N TYR A 64 -15.34 1.45 10.02
CA TYR A 64 -15.69 1.14 11.40
C TYR A 64 -15.02 2.15 12.30
N LYS A 65 -15.40 2.17 13.56
CA LYS A 65 -14.79 3.11 14.50
C LYS A 65 -14.20 2.38 15.69
N TYR A 66 -13.20 3.01 16.30
CA TYR A 66 -12.55 2.44 17.46
C TYR A 66 -12.02 3.59 18.29
N LYS A 67 -11.67 3.31 19.53
CA LYS A 67 -11.14 4.34 20.41
C LYS A 67 -9.96 3.76 21.16
N ARG A 68 -9.33 4.58 21.99
CA ARG A 68 -8.19 4.12 22.77
C ARG A 68 -8.46 4.39 24.25
N VAL A 69 -8.38 3.35 25.05
CA VAL A 69 -8.62 3.46 26.49
C VAL A 69 -7.40 2.94 27.23
N ASN A 70 -6.87 3.77 28.14
CA ASN A 70 -5.69 3.39 28.92
C ASN A 70 -4.52 3.05 28.02
N GLY A 71 -4.44 3.72 26.87
CA GLY A 71 -3.35 3.49 25.94
C GLY A 71 -3.51 2.30 25.00
N ALA A 72 -4.61 1.57 25.13
CA ALA A 72 -4.84 0.40 24.27
C ALA A 72 -6.05 0.58 23.36
N ILE A 73 -5.98 -0.01 22.18
CA ILE A 73 -7.06 0.06 21.20
C ILE A 73 -8.29 -0.70 21.69
N VAL A 74 -9.45 -0.06 21.56
CA VAL A 74 -10.71 -0.68 21.95
C VAL A 74 -11.68 -0.58 20.79
N CYS A 75 -12.06 -1.73 20.23
CA CYS A 75 -12.98 -1.75 19.12
C CYS A 75 -14.40 -1.41 19.55
N GLU A 76 -14.95 -0.34 18.99
CA GLU A 76 -16.31 0.10 19.29
C GLU A 76 -17.28 -1.01 18.93
N LYS A 77 -18.41 -1.08 19.63
CA LYS A 77 -19.34 -2.10 19.27
C LYS A 77 -20.34 -1.66 18.22
N GLY A 78 -19.95 -1.93 16.98
CA GLY A 78 -20.77 -1.58 15.84
C GLY A 78 -21.43 -2.83 15.31
N THR A 79 -21.49 -2.98 14.00
CA THR A 79 -22.10 -4.17 13.41
C THR A 79 -21.14 -5.33 13.67
N SER A 80 -21.63 -6.56 13.51
CA SER A 80 -20.80 -7.73 13.72
C SER A 80 -19.55 -7.65 12.84
N CYS A 81 -19.76 -7.28 11.58
CA CYS A 81 -18.65 -7.16 10.65
C CYS A 81 -17.64 -6.10 11.06
N GLU A 82 -18.12 -4.93 11.42
CA GLU A 82 -17.22 -3.85 11.82
C GLU A 82 -16.39 -4.25 13.03
N ASN A 83 -17.02 -4.93 13.99
CA ASN A 83 -16.31 -5.36 15.19
C ASN A 83 -15.23 -6.38 14.85
N ARG A 84 -15.57 -7.37 14.04
CA ARG A 84 -14.61 -8.39 13.68
C ARG A 84 -13.46 -7.85 12.83
N ILE A 85 -13.77 -6.98 11.88
CA ILE A 85 -12.72 -6.39 11.04
C ILE A 85 -11.78 -5.59 11.93
N CYS A 86 -12.36 -4.82 12.84
CA CYS A 86 -11.58 -4.01 13.76
C CYS A 86 -10.63 -4.88 14.58
N GLU A 87 -11.13 -6.01 15.09
CA GLU A 87 -10.32 -6.91 15.89
C GLU A 87 -9.18 -7.52 15.06
N CYS A 88 -9.45 -7.84 13.79
CA CYS A 88 -8.40 -8.39 12.95
C CYS A 88 -7.30 -7.35 12.79
N ASP A 89 -7.72 -6.11 12.51
CA ASP A 89 -6.77 -5.02 12.33
C ASP A 89 -5.98 -4.72 13.60
N LYS A 90 -6.68 -4.70 14.74
CA LYS A 90 -6.03 -4.44 16.02
C LYS A 90 -4.92 -5.45 16.30
N ALA A 91 -5.23 -6.73 16.13
CA ALA A 91 -4.24 -7.78 16.38
C ALA A 91 -3.02 -7.63 15.49
N ALA A 92 -3.24 -7.22 14.24
CA ALA A 92 -2.12 -7.05 13.31
C ALA A 92 -1.25 -5.84 13.65
N ALA A 93 -1.89 -4.71 13.97
CA ALA A 93 -1.15 -3.51 14.31
C ALA A 93 -0.27 -3.76 15.53
N ILE A 94 -0.83 -4.45 16.51
CA ILE A 94 -0.09 -4.75 17.73
C ILE A 94 1.02 -5.73 17.39
N CYS A 95 0.72 -6.71 16.54
CA CYS A 95 1.72 -7.68 16.12
C CYS A 95 2.90 -6.95 15.47
N PHE A 96 2.62 -5.95 14.65
CA PHE A 96 3.67 -5.18 13.99
C PHE A 96 4.60 -4.51 15.00
N ARG A 97 4.04 -3.79 15.97
CA ARG A 97 4.90 -3.12 16.93
C ARG A 97 5.64 -4.09 17.85
N GLN A 98 5.02 -5.22 18.18
CA GLN A 98 5.67 -6.20 19.06
C GLN A 98 6.89 -6.79 18.36
N ASN A 99 6.89 -6.75 17.04
CA ASN A 99 7.99 -7.30 16.23
C ASN A 99 8.85 -6.28 15.52
N LEU A 100 8.75 -5.01 15.91
CA LEU A 100 9.56 -3.98 15.27
C LEU A 100 11.06 -4.24 15.43
N ASN A 101 11.47 -4.97 16.46
CA ASN A 101 12.90 -5.19 16.63
C ASN A 101 13.52 -6.11 15.57
N THR A 102 12.69 -6.75 14.74
CA THR A 102 13.22 -7.60 13.68
C THR A 102 12.74 -7.12 12.31
N TYR A 103 12.13 -5.94 12.26
CA TYR A 103 11.66 -5.38 11.00
C TYR A 103 12.92 -5.13 10.17
N SER A 104 12.95 -5.67 8.95
CA SER A 104 14.12 -5.51 8.09
C SER A 104 13.85 -4.75 6.81
N LYS A 105 14.60 -3.67 6.62
CA LYS A 105 14.46 -2.82 5.45
C LYS A 105 14.58 -3.59 4.13
N LYS A 106 15.34 -4.69 4.15
CA LYS A 106 15.54 -5.48 2.95
C LYS A 106 14.27 -6.14 2.43
N TYR A 107 13.25 -6.27 3.27
CA TYR A 107 12.01 -6.89 2.83
C TYR A 107 10.98 -5.87 2.33
N MET A 108 11.39 -4.61 2.31
CA MET A 108 10.50 -3.57 1.81
C MET A 108 10.58 -3.65 0.29
N LEU A 109 9.47 -3.40 -0.39
CA LEU A 109 9.42 -3.44 -1.85
C LEU A 109 9.81 -4.84 -2.32
N TYR A 110 9.41 -5.85 -1.56
CA TYR A 110 9.74 -7.24 -1.89
C TYR A 110 8.96 -7.70 -3.13
N PRO A 111 9.68 -8.22 -4.14
CA PRO A 111 9.08 -8.70 -5.39
C PRO A 111 8.13 -9.89 -5.19
N ASP A 112 6.88 -9.72 -5.61
CA ASP A 112 5.87 -10.77 -5.49
C ASP A 112 6.30 -12.10 -6.11
N PHE A 113 7.07 -12.05 -7.19
CA PHE A 113 7.47 -13.29 -7.87
C PHE A 113 8.34 -14.23 -7.03
N LEU A 114 8.96 -13.72 -5.98
CA LEU A 114 9.80 -14.53 -5.10
C LEU A 114 8.93 -15.29 -4.10
N CYS A 115 7.63 -15.02 -4.14
CA CYS A 115 6.68 -15.67 -3.23
C CYS A 115 5.75 -16.61 -3.99
N LYS A 116 5.94 -17.91 -3.80
CA LYS A 116 5.11 -18.89 -4.48
C LYS A 116 4.71 -20.04 -3.58
N GLY A 117 3.53 -20.61 -3.85
CA GLY A 117 3.04 -21.72 -3.06
C GLY A 117 2.00 -21.27 -2.05
N GLU A 118 0.90 -22.01 -1.95
CA GLU A 118 -0.15 -21.68 -1.01
C GLU A 118 0.18 -22.23 0.37
N LEU A 119 0.04 -21.40 1.39
CA LEU A 119 0.32 -21.80 2.76
C LEU A 119 -0.98 -21.75 3.57
N LYS A 120 -1.44 -22.92 4.00
CA LYS A 120 -2.68 -23.01 4.75
C LYS A 120 -2.68 -22.30 6.10
N CYS A 121 -3.78 -21.61 6.38
CA CYS A 121 -3.97 -20.87 7.62
C CYS A 121 -4.12 -21.81 8.82
N SER B 1 6.99 16.07 -7.56
CA SER B 1 5.99 16.36 -8.64
C SER B 1 6.11 15.31 -9.73
N LEU B 2 5.23 15.39 -10.73
CA LEU B 2 5.25 14.43 -11.82
C LEU B 2 6.56 14.46 -12.59
N LEU B 3 7.28 15.59 -12.54
CA LEU B 3 8.55 15.67 -13.24
C LEU B 3 9.50 14.62 -12.66
N GLU B 4 9.59 14.56 -11.34
CA GLU B 4 10.45 13.57 -10.69
C GLU B 4 9.85 12.17 -10.79
N PHE B 5 8.56 12.05 -10.47
CA PHE B 5 7.88 10.77 -10.51
C PHE B 5 7.93 10.22 -11.94
N GLY B 6 7.71 11.09 -12.92
CA GLY B 6 7.75 10.67 -14.30
C GLY B 6 9.13 10.18 -14.71
N LYS B 7 10.17 10.79 -14.16
CA LYS B 7 11.54 10.39 -14.47
C LYS B 7 11.80 8.99 -13.91
N MET B 8 11.31 8.74 -12.70
CA MET B 8 11.49 7.42 -12.08
C MET B 8 10.75 6.38 -12.91
N ILE B 9 9.52 6.70 -13.30
CA ILE B 9 8.71 5.77 -14.08
C ILE B 9 9.42 5.38 -15.37
N LEU B 10 9.95 6.37 -16.08
CA LEU B 10 10.65 6.10 -17.33
C LEU B 10 11.90 5.27 -17.11
N GLU B 11 12.67 5.59 -16.07
CA GLU B 11 13.89 4.86 -15.77
C GLU B 11 13.63 3.40 -15.34
N GLU B 12 12.55 3.19 -14.61
CA GLU B 12 12.24 1.85 -14.12
C GLU B 12 11.44 0.98 -15.07
N THR B 13 10.59 1.59 -15.89
CA THR B 13 9.73 0.82 -16.80
C THR B 13 9.99 0.97 -18.29
N GLY B 14 10.68 2.04 -18.67
CA GLY B 14 10.93 2.24 -20.09
C GLY B 14 9.74 2.89 -20.77
N LYS B 15 8.70 3.18 -19.99
CA LYS B 15 7.49 3.81 -20.51
C LYS B 15 7.34 5.24 -20.00
N LEU B 16 6.66 6.08 -20.78
CA LEU B 16 6.43 7.46 -20.39
C LEU B 16 5.20 7.51 -19.47
N ALA B 17 5.33 8.19 -18.33
CA ALA B 17 4.23 8.30 -17.36
C ALA B 17 2.95 8.70 -18.08
N ILE B 18 3.05 9.69 -18.95
CA ILE B 18 1.91 10.12 -19.75
C ILE B 18 2.31 9.65 -21.13
N PRO B 19 1.50 8.80 -21.78
CA PRO B 19 0.22 8.22 -21.36
C PRO B 19 0.18 6.82 -20.70
N SER B 20 1.30 6.12 -20.66
CA SER B 20 1.31 4.77 -20.12
C SER B 20 0.71 4.52 -18.74
N TYR B 21 0.83 5.49 -17.83
CA TYR B 21 0.31 5.31 -16.49
C TYR B 21 -0.61 6.45 -16.06
N SER B 22 -1.11 7.21 -17.03
CA SER B 22 -1.99 8.33 -16.74
C SER B 22 -3.47 8.11 -17.09
N SER B 23 -3.78 6.99 -17.72
CA SER B 23 -5.18 6.69 -18.06
C SER B 23 -5.40 5.19 -18.01
N TYR B 24 -4.61 4.53 -17.17
CA TYR B 24 -4.63 3.07 -17.04
C TYR B 24 -5.49 2.60 -15.86
N GLY B 25 -6.43 1.70 -16.14
CA GLY B 25 -7.29 1.17 -15.09
C GLY B 25 -8.11 2.20 -14.36
N CYS B 26 -8.40 1.93 -13.09
CA CYS B 26 -9.20 2.83 -12.30
C CYS B 26 -8.41 3.89 -11.53
N TYR B 27 -7.15 3.58 -11.20
CA TYR B 27 -6.35 4.50 -10.41
C TYR B 27 -5.09 5.11 -11.02
N CYS B 28 -4.60 4.58 -12.12
CA CYS B 28 -3.40 5.15 -12.73
C CYS B 28 -3.82 6.37 -13.53
N GLY B 29 -3.69 7.52 -12.90
CA GLY B 29 -4.09 8.78 -13.50
C GLY B 29 -4.67 9.60 -12.37
N TRP B 30 -5.86 10.16 -12.58
CA TRP B 30 -6.48 10.98 -11.54
C TRP B 30 -7.93 10.62 -11.25
N GLY B 31 -8.46 11.20 -10.17
CA GLY B 31 -9.83 10.93 -9.78
C GLY B 31 -10.18 9.46 -9.65
N GLY B 32 -9.22 8.65 -9.22
CA GLY B 32 -9.47 7.23 -9.09
C GLY B 32 -10.50 6.81 -8.05
N LYS B 33 -11.24 5.75 -8.38
CA LYS B 33 -12.26 5.19 -7.50
C LYS B 33 -12.55 3.78 -7.98
N GLY B 34 -13.21 2.97 -7.17
CA GLY B 34 -13.53 1.60 -7.56
C GLY B 34 -12.50 0.55 -7.16
N THR B 35 -12.64 -0.64 -7.71
CA THR B 35 -11.71 -1.74 -7.41
C THR B 35 -10.61 -1.81 -8.47
N PRO B 36 -9.33 -1.78 -8.04
CA PRO B 36 -8.20 -1.84 -8.99
C PRO B 36 -8.37 -3.02 -9.94
N LYS B 37 -8.06 -2.81 -11.21
CA LYS B 37 -8.24 -3.83 -12.26
C LYS B 37 -7.18 -4.92 -12.34
N ASP B 38 -5.95 -4.60 -12.01
CA ASP B 38 -4.87 -5.58 -12.07
C ASP B 38 -3.71 -5.14 -11.17
N ALA B 39 -2.58 -5.83 -11.26
CA ALA B 39 -1.43 -5.50 -10.41
C ALA B 39 -0.93 -4.07 -10.57
N THR B 40 -0.83 -3.61 -11.80
CA THR B 40 -0.37 -2.25 -12.07
C THR B 40 -1.35 -1.24 -11.47
N ASP B 41 -2.64 -1.49 -11.67
CA ASP B 41 -3.67 -0.60 -11.14
C ASP B 41 -3.57 -0.58 -9.61
N ARG B 42 -3.24 -1.73 -9.02
CA ARG B 42 -3.11 -1.80 -7.58
C ARG B 42 -1.94 -0.94 -7.12
N CYS B 43 -0.88 -0.88 -7.93
CA CYS B 43 0.27 -0.05 -7.59
C CYS B 43 -0.18 1.40 -7.49
N CYS B 44 -1.00 1.83 -8.45
CA CYS B 44 -1.49 3.20 -8.46
C CYS B 44 -2.41 3.49 -7.29
N PHE B 45 -3.22 2.50 -6.92
CA PHE B 45 -4.12 2.66 -5.79
C PHE B 45 -3.27 2.92 -4.55
N VAL B 46 -2.24 2.10 -4.34
CA VAL B 46 -1.38 2.27 -3.18
C VAL B 46 -0.70 3.64 -3.21
N HIS B 47 -0.29 4.08 -4.39
CA HIS B 47 0.37 5.38 -4.53
C HIS B 47 -0.58 6.50 -4.06
N ASP B 48 -1.84 6.41 -4.47
CA ASP B 48 -2.83 7.41 -4.07
C ASP B 48 -2.99 7.45 -2.56
N CYS B 49 -3.08 6.27 -1.95
CA CYS B 49 -3.22 6.17 -0.50
C CYS B 49 -1.99 6.72 0.18
N CYS B 50 -0.83 6.50 -0.44
CA CYS B 50 0.43 6.98 0.10
C CYS B 50 0.36 8.50 0.19
N TYR B 51 -0.06 9.14 -0.90
CA TYR B 51 -0.20 10.58 -0.93
C TYR B 51 -1.26 11.00 0.08
N GLY B 52 -2.28 10.16 0.23
CA GLY B 52 -3.36 10.43 1.15
C GLY B 52 -2.94 10.58 2.60
N ASN B 53 -1.85 9.91 2.98
CA ASN B 53 -1.35 9.98 4.34
C ASN B 53 -0.49 11.22 4.57
N LEU B 54 -0.38 12.07 3.54
CA LEU B 54 0.44 13.27 3.63
C LEU B 54 -0.41 14.52 3.39
N PRO B 55 -1.39 14.78 4.26
CA PRO B 55 -2.28 15.94 4.15
C PRO B 55 -1.57 17.28 4.16
N ASP B 56 -0.54 17.40 5.01
CA ASP B 56 0.21 18.64 5.12
C ASP B 56 1.13 18.89 3.94
N CYS B 57 1.16 17.93 3.01
CA CYS B 57 2.03 18.05 1.83
C CYS B 57 1.24 18.23 0.54
N ASN B 58 1.95 18.50 -0.55
CA ASN B 58 1.32 18.66 -1.85
C ASN B 58 2.20 18.06 -2.95
N PRO B 59 2.08 16.74 -3.17
CA PRO B 59 2.84 16.00 -4.17
C PRO B 59 2.88 16.62 -5.58
N LYS B 60 1.76 17.17 -6.01
CA LYS B 60 1.66 17.79 -7.34
C LYS B 60 2.74 18.83 -7.64
N SER B 61 2.98 19.72 -6.68
CA SER B 61 3.97 20.78 -6.86
C SER B 61 5.18 20.69 -5.96
N ASP B 62 5.08 19.90 -4.90
CA ASP B 62 6.18 19.73 -3.96
C ASP B 62 7.29 18.92 -4.62
N ARG B 63 8.31 19.61 -5.13
CA ARG B 63 9.42 18.93 -5.80
C ARG B 63 10.50 18.49 -4.83
N TYR B 64 11.16 17.38 -5.17
CA TYR B 64 12.23 16.84 -4.35
C TYR B 64 13.35 16.38 -5.27
N LYS B 65 14.44 15.92 -4.68
CA LYS B 65 15.57 15.44 -5.46
C LYS B 65 15.84 13.99 -5.11
N TYR B 66 16.24 13.22 -6.11
CA TYR B 66 16.58 11.82 -5.89
C TYR B 66 17.76 11.52 -6.79
N LYS B 67 18.51 10.49 -6.43
CA LYS B 67 19.67 10.11 -7.21
C LYS B 67 19.75 8.60 -7.32
N ARG B 68 20.70 8.13 -8.11
CA ARG B 68 20.92 6.71 -8.33
C ARG B 68 22.18 6.29 -7.61
N VAL B 69 22.06 5.32 -6.71
CA VAL B 69 23.23 4.84 -5.98
C VAL B 69 23.18 3.31 -6.02
N ASN B 70 24.22 2.71 -6.57
CA ASN B 70 24.30 1.26 -6.67
C ASN B 70 23.08 0.75 -7.44
N GLY B 71 22.70 1.51 -8.47
CA GLY B 71 21.58 1.14 -9.33
C GLY B 71 20.19 1.38 -8.79
N ALA B 72 20.09 1.78 -7.52
CA ALA B 72 18.81 2.00 -6.89
C ALA B 72 18.47 3.47 -6.61
N ILE B 73 17.17 3.76 -6.60
CA ILE B 73 16.69 5.11 -6.33
C ILE B 73 16.94 5.46 -4.87
N VAL B 74 17.52 6.63 -4.65
CA VAL B 74 17.79 7.12 -3.31
C VAL B 74 17.15 8.50 -3.16
N CYS B 75 16.20 8.60 -2.25
CA CYS B 75 15.52 9.86 -1.99
C CYS B 75 16.46 10.69 -1.10
N GLU B 76 16.95 11.80 -1.65
CA GLU B 76 17.86 12.66 -0.91
C GLU B 76 17.18 13.27 0.31
N LYS B 77 17.96 13.47 1.38
CA LYS B 77 17.43 14.04 2.61
C LYS B 77 16.91 15.46 2.39
N GLY B 78 15.65 15.67 2.76
CA GLY B 78 15.04 16.97 2.61
C GLY B 78 13.95 17.15 3.65
N THR B 79 12.97 17.99 3.36
CA THR B 79 11.87 18.19 4.31
C THR B 79 11.10 16.89 4.47
N SER B 80 10.38 16.78 5.58
CA SER B 80 9.59 15.57 5.83
C SER B 80 8.69 15.28 4.63
N CYS B 81 8.07 16.32 4.09
CA CYS B 81 7.20 16.15 2.94
C CYS B 81 7.93 15.66 1.70
N GLU B 82 9.08 16.26 1.41
CA GLU B 82 9.86 15.86 0.25
C GLU B 82 10.28 14.40 0.36
N ASN B 83 10.74 14.00 1.54
CA ASN B 83 11.16 12.62 1.75
C ASN B 83 10.01 11.63 1.57
N ARG B 84 8.88 11.93 2.18
CA ARG B 84 7.71 11.06 2.11
C ARG B 84 7.09 10.98 0.72
N ILE B 85 7.02 12.10 0.01
CA ILE B 85 6.46 12.08 -1.33
C ILE B 85 7.39 11.27 -2.23
N CYS B 86 8.69 11.51 -2.09
CA CYS B 86 9.67 10.78 -2.89
C CYS B 86 9.60 9.28 -2.65
N GLU B 87 9.43 8.87 -1.39
CA GLU B 87 9.34 7.45 -1.08
C GLU B 87 8.07 6.86 -1.70
N CYS B 88 6.99 7.64 -1.73
CA CYS B 88 5.75 7.19 -2.34
C CYS B 88 5.96 6.94 -3.83
N ASP B 89 6.60 7.89 -4.49
CA ASP B 89 6.86 7.80 -5.92
C ASP B 89 7.79 6.64 -6.22
N LYS B 90 8.84 6.50 -5.41
CA LYS B 90 9.80 5.42 -5.57
C LYS B 90 9.10 4.06 -5.50
N ALA B 91 8.30 3.87 -4.46
CA ALA B 91 7.58 2.62 -4.29
C ALA B 91 6.70 2.29 -5.48
N ALA B 92 6.00 3.30 -6.01
CA ALA B 92 5.13 3.10 -7.15
C ALA B 92 5.88 2.74 -8.43
N ALA B 93 6.97 3.46 -8.70
CA ALA B 93 7.76 3.23 -9.90
C ALA B 93 8.32 1.81 -9.89
N ILE B 94 8.79 1.37 -8.73
CA ILE B 94 9.34 0.02 -8.60
C ILE B 94 8.21 -1.00 -8.74
N CYS B 95 7.07 -0.69 -8.16
CA CYS B 95 5.90 -1.57 -8.27
C CYS B 95 5.52 -1.75 -9.74
N PHE B 96 5.56 -0.66 -10.51
CA PHE B 96 5.24 -0.74 -11.93
C PHE B 96 6.19 -1.72 -12.61
N ARG B 97 7.48 -1.54 -12.36
CA ARG B 97 8.49 -2.41 -12.96
C ARG B 97 8.27 -3.87 -12.60
N GLN B 98 8.05 -4.15 -11.32
CA GLN B 98 7.85 -5.52 -10.85
C GLN B 98 6.59 -6.17 -11.43
N ASN B 99 5.70 -5.36 -12.00
CA ASN B 99 4.47 -5.88 -12.58
C ASN B 99 4.32 -5.65 -14.08
N LEU B 100 5.44 -5.40 -14.76
CA LEU B 100 5.37 -5.18 -16.20
C LEU B 100 4.93 -6.44 -16.95
N ASN B 101 5.01 -7.59 -16.29
CA ASN B 101 4.60 -8.84 -16.93
C ASN B 101 3.09 -8.94 -17.14
N THR B 102 2.33 -8.11 -16.43
CA THR B 102 0.88 -8.13 -16.59
C THR B 102 0.32 -6.79 -17.08
N TYR B 103 1.20 -5.85 -17.40
CA TYR B 103 0.75 -4.56 -17.89
C TYR B 103 0.07 -4.85 -19.22
N SER B 104 -1.16 -4.38 -19.41
CA SER B 104 -1.89 -4.63 -20.64
C SER B 104 -2.57 -3.39 -21.22
N LYS B 105 -2.42 -3.21 -22.53
CA LYS B 105 -3.00 -2.06 -23.23
C LYS B 105 -4.52 -2.04 -23.10
N LYS B 106 -5.08 -3.19 -22.75
CA LYS B 106 -6.51 -3.33 -22.57
C LYS B 106 -7.03 -2.33 -21.55
N TYR B 107 -6.18 -1.99 -20.58
CA TYR B 107 -6.57 -1.06 -19.54
C TYR B 107 -6.23 0.40 -19.80
N MET B 108 -5.66 0.71 -20.96
CA MET B 108 -5.33 2.09 -21.28
C MET B 108 -6.61 2.79 -21.73
N LEU B 109 -6.74 4.08 -21.44
CA LEU B 109 -7.93 4.85 -21.80
C LEU B 109 -9.19 4.17 -21.23
N TYR B 110 -9.08 3.76 -19.97
CA TYR B 110 -10.15 3.07 -19.27
C TYR B 110 -11.26 3.99 -18.75
N PRO B 111 -12.52 3.73 -19.15
CA PRO B 111 -13.71 4.51 -18.76
C PRO B 111 -14.01 4.34 -17.27
N ASP B 112 -14.35 5.42 -16.58
CA ASP B 112 -14.61 5.32 -15.15
C ASP B 112 -15.92 4.63 -14.73
N PHE B 113 -16.87 4.45 -15.64
CA PHE B 113 -18.10 3.77 -15.25
C PHE B 113 -17.84 2.29 -15.02
N LEU B 114 -16.59 1.88 -15.25
CA LEU B 114 -16.18 0.51 -15.03
C LEU B 114 -15.48 0.51 -13.66
N CYS B 115 -15.49 1.69 -13.03
CA CYS B 115 -14.88 1.90 -11.72
C CYS B 115 -15.88 2.53 -10.75
N LYS B 116 -16.68 1.70 -10.10
CA LYS B 116 -17.69 2.18 -9.17
C LYS B 116 -17.29 1.92 -7.72
N GLY B 117 -17.81 2.75 -6.81
CA GLY B 117 -17.53 2.58 -5.40
C GLY B 117 -16.17 3.12 -5.01
N GLU B 118 -15.81 2.96 -3.73
CA GLU B 118 -14.52 3.44 -3.27
C GLU B 118 -13.95 2.60 -2.13
N LEU B 119 -12.62 2.55 -2.08
CA LEU B 119 -11.89 1.82 -1.07
C LEU B 119 -11.15 2.87 -0.23
N LYS B 120 -11.75 3.27 0.88
CA LYS B 120 -11.14 4.27 1.73
C LYS B 120 -9.79 3.82 2.26
N CYS B 121 -8.82 4.73 2.26
CA CYS B 121 -7.49 4.43 2.77
C CYS B 121 -6.82 5.71 3.26
#